data_7ZBA
#
_entry.id   7ZBA
#
_cell.length_a   44.363
_cell.length_b   81.499
_cell.length_c   159.652
_cell.angle_alpha   90.000
_cell.angle_beta   90.000
_cell.angle_gamma   90.000
#
_symmetry.space_group_name_H-M   'P 21 21 21'
#
loop_
_entity.id
_entity.type
_entity.pdbx_description
1 polymer 'Haloalkane dehalogenase'
2 non-polymer GLYCEROL
3 non-polymer 4-(7-azanyl-5,5-dimethyl-3-methylimino-benzo[b][1]benzosilin-10-yl)-N-[2-[2-(6-chloranylhexoxy)ethoxy]ethyl]-3-methyl-benzamide
4 non-polymer 'CHLORIDE ION'
5 water water
#
_entity_poly.entity_id   1
_entity_poly.type   'polypeptide(L)'
_entity_poly.pdbx_seq_one_letter_code
;MAEIGTGFPFDPHYVEVLGERMHYVDVGPRDGTPVLFLHGNPTSSYVWRNIIPHVAPTHRCIAPDLIGMGKSDKPDLGYF
FDDHVRFMDAFIEALGLEEVVLVIHDWGSALGFHWAKRNPERVKGIAFMEFIRPIPTWDEWPEFARETFQAFRTTDVGRK
LIIDQNVFIEGTLPMGVVRPLTEVEMDHYREPFLNPVDREPLWRFPNELPIAGEPANIVALVEEYMDWLHQSPVPKLLFW
GTPGVLIPPAEAARLAKSLPNCKAVDIGPGLNLLQEDNPDLIGSEIARWLSTLEISGHHHHHH
;
_entity_poly.pdbx_strand_id   A,B
#
# COMPACT_ATOMS: atom_id res chain seq x y z
N ILE A 4 0.03 -12.11 10.31
CA ILE A 4 -1.40 -12.08 10.01
C ILE A 4 -1.75 -13.35 9.23
N GLY A 5 -2.72 -14.09 9.74
CA GLY A 5 -3.01 -15.41 9.19
C GLY A 5 -3.63 -15.32 7.81
N THR A 6 -3.24 -16.26 6.94
CA THR A 6 -3.78 -16.33 5.59
C THR A 6 -4.76 -17.47 5.40
N GLY A 7 -4.83 -18.41 6.36
CA GLY A 7 -5.72 -19.54 6.21
C GLY A 7 -7.17 -19.21 6.52
N PHE A 8 -8.05 -20.11 6.09
CA PHE A 8 -9.48 -20.01 6.31
C PHE A 8 -9.95 -21.37 6.84
N PRO A 9 -9.74 -21.64 8.15
CA PRO A 9 -9.97 -23.00 8.66
C PRO A 9 -11.38 -23.24 9.16
N PHE A 10 -12.39 -22.68 8.50
CA PHE A 10 -13.76 -22.76 8.97
C PHE A 10 -14.53 -23.78 8.14
N ASP A 11 -15.30 -24.60 8.82
CA ASP A 11 -16.10 -25.58 8.13
C ASP A 11 -17.15 -24.86 7.29
N PRO A 12 -17.32 -25.24 6.02
CA PRO A 12 -18.39 -24.60 5.23
C PRO A 12 -19.75 -25.06 5.72
N HIS A 13 -20.68 -24.13 5.79
CA HIS A 13 -22.08 -24.40 6.05
C HIS A 13 -22.87 -23.73 4.95
N TYR A 14 -23.95 -24.37 4.53
CA TYR A 14 -24.81 -23.85 3.48
C TYR A 14 -26.24 -23.91 3.97
N VAL A 15 -27.02 -22.89 3.62
CA VAL A 15 -28.45 -22.85 3.88
C VAL A 15 -29.15 -22.43 2.60
N GLU A 16 -30.29 -23.04 2.32
CA GLU A 16 -31.07 -22.65 1.15
C GLU A 16 -31.84 -21.38 1.45
N VAL A 17 -31.68 -20.38 0.59
CA VAL A 17 -32.25 -19.06 0.78
C VAL A 17 -32.84 -18.64 -0.56
N LEU A 18 -34.16 -18.46 -0.60
CA LEU A 18 -34.84 -18.00 -1.82
C LEU A 18 -34.45 -18.84 -3.03
N GLY A 19 -34.33 -20.15 -2.82
CA GLY A 19 -33.96 -21.05 -3.90
C GLY A 19 -32.50 -21.09 -4.25
N GLU A 20 -31.64 -20.46 -3.45
CA GLU A 20 -30.20 -20.47 -3.67
C GLU A 20 -29.51 -20.89 -2.39
N ARG A 21 -28.28 -21.39 -2.52
CA ARG A 21 -27.48 -21.79 -1.37
C ARG A 21 -26.56 -20.63 -0.99
N MET A 22 -26.53 -20.32 0.31
CA MET A 22 -25.69 -19.27 0.86
C MET A 22 -24.69 -19.92 1.81
N HIS A 23 -23.40 -19.67 1.58
CA HIS A 23 -22.37 -20.18 2.44
C HIS A 23 -22.21 -19.26 3.65
N TYR A 24 -21.93 -19.87 4.81
CA TYR A 24 -21.63 -19.07 5.98
C TYR A 24 -20.69 -19.81 6.92
N VAL A 25 -19.90 -19.04 7.66
CA VAL A 25 -19.15 -19.52 8.80
C VAL A 25 -20.11 -19.56 9.98
N ASP A 26 -19.98 -20.60 10.81
CA ASP A 26 -20.80 -20.70 12.02
C ASP A 26 -19.95 -21.46 13.03
N VAL A 27 -19.36 -20.73 13.97
CA VAL A 27 -18.50 -21.29 15.00
C VAL A 27 -18.91 -20.71 16.35
N GLY A 28 -18.37 -21.30 17.42
CA GLY A 28 -18.63 -20.83 18.76
C GLY A 28 -19.82 -21.56 19.36
N PRO A 29 -20.21 -21.16 20.57
CA PRO A 29 -21.32 -21.86 21.24
C PRO A 29 -22.60 -21.84 20.42
N ARG A 30 -23.54 -22.70 20.82
CA ARG A 30 -24.83 -22.79 20.14
CA ARG A 30 -24.83 -22.79 20.14
C ARG A 30 -25.88 -21.87 20.76
N ASP A 31 -25.81 -21.64 22.07
CA ASP A 31 -26.74 -20.76 22.76
C ASP A 31 -26.12 -19.38 22.95
N GLY A 32 -26.93 -18.45 23.41
CA GLY A 32 -26.50 -17.08 23.60
C GLY A 32 -26.75 -16.24 22.37
N THR A 33 -26.47 -14.95 22.50
CA THR A 33 -26.69 -14.01 21.40
C THR A 33 -25.61 -14.18 20.36
N PRO A 34 -25.95 -14.43 19.10
CA PRO A 34 -24.91 -14.57 18.07
C PRO A 34 -24.37 -13.23 17.60
N VAL A 35 -23.15 -13.28 17.10
CA VAL A 35 -22.47 -12.13 16.51
C VAL A 35 -22.42 -12.36 15.01
N LEU A 36 -23.05 -11.46 14.24
CA LEU A 36 -23.23 -11.61 12.80
C LEU A 36 -22.29 -10.65 12.08
N PHE A 37 -21.36 -11.22 11.30
CA PHE A 37 -20.30 -10.49 10.62
C PHE A 37 -20.70 -10.35 9.15
N LEU A 38 -20.76 -9.12 8.64
CA LEU A 38 -21.20 -8.85 7.27
C LEU A 38 -20.10 -8.15 6.50
N HIS A 39 -19.59 -8.82 5.47
CA HIS A 39 -18.55 -8.27 4.59
C HIS A 39 -19.16 -7.40 3.49
N GLY A 40 -18.28 -6.75 2.72
CA GLY A 40 -18.66 -5.90 1.62
C GLY A 40 -17.98 -6.31 0.32
N ASN A 41 -17.74 -5.28 -0.52
CA ASN A 41 -17.20 -5.47 -1.87
C ASN A 41 -15.71 -5.13 -1.89
N PRO A 42 -14.85 -5.96 -2.49
CA PRO A 42 -15.10 -7.23 -3.17
C PRO A 42 -14.66 -8.43 -2.33
N THR A 43 -15.06 -8.46 -1.07
CA THR A 43 -14.54 -9.45 -0.15
C THR A 43 -15.55 -10.59 0.07
N SER A 44 -15.35 -11.32 1.16
CA SER A 44 -16.21 -12.42 1.56
C SER A 44 -16.01 -12.57 3.06
N SER A 45 -16.51 -13.67 3.62
CA SER A 45 -16.23 -13.97 5.02
C SER A 45 -14.73 -14.12 5.28
N TYR A 46 -13.92 -14.32 4.24
CA TYR A 46 -12.47 -14.36 4.40
C TYR A 46 -11.93 -13.13 5.11
N VAL A 47 -12.57 -11.97 4.93
CA VAL A 47 -12.10 -10.74 5.55
C VAL A 47 -12.21 -10.78 7.06
N TRP A 48 -13.03 -11.67 7.61
CA TRP A 48 -13.21 -11.79 9.05
C TRP A 48 -12.38 -12.92 9.65
N ARG A 49 -11.53 -13.56 8.87
CA ARG A 49 -10.91 -14.81 9.30
C ARG A 49 -10.01 -14.65 10.53
N ASN A 50 -9.39 -13.48 10.70
CA ASN A 50 -8.52 -13.24 11.83
C ASN A 50 -9.21 -12.44 12.93
N ILE A 51 -10.46 -12.07 12.74
CA ILE A 51 -11.26 -11.41 13.77
C ILE A 51 -12.07 -12.42 14.57
N ILE A 52 -12.76 -13.31 13.87
CA ILE A 52 -13.64 -14.32 14.47
C ILE A 52 -12.95 -15.13 15.56
N PRO A 53 -11.69 -15.52 15.40
CA PRO A 53 -11.08 -16.35 16.45
C PRO A 53 -10.94 -15.67 17.80
N HIS A 54 -11.03 -14.34 17.88
CA HIS A 54 -11.05 -13.67 19.17
C HIS A 54 -12.42 -13.77 19.85
N VAL A 55 -13.48 -14.00 19.09
CA VAL A 55 -14.85 -13.96 19.59
C VAL A 55 -15.41 -15.36 19.78
N ALA A 56 -15.05 -16.28 18.88
CA ALA A 56 -15.60 -17.63 18.90
C ALA A 56 -15.38 -18.39 20.20
N PRO A 57 -14.35 -18.14 21.01
CA PRO A 57 -14.27 -18.87 22.28
C PRO A 57 -15.49 -18.70 23.17
N THR A 58 -16.18 -17.55 23.08
CA THR A 58 -17.27 -17.25 24.01
C THR A 58 -18.58 -16.84 23.38
N HIS A 59 -18.63 -16.61 22.08
CA HIS A 59 -19.86 -16.21 21.43
C HIS A 59 -19.98 -16.88 20.08
N ARG A 60 -21.20 -17.25 19.70
CA ARG A 60 -21.44 -17.75 18.35
C ARG A 60 -21.11 -16.67 17.33
N CYS A 61 -20.35 -17.05 16.30
CA CYS A 61 -19.99 -16.16 15.21
C CYS A 61 -20.58 -16.71 13.92
N ILE A 62 -21.35 -15.87 13.23
CA ILE A 62 -21.98 -16.22 11.97
C ILE A 62 -21.49 -15.22 10.94
N ALA A 63 -20.89 -15.70 9.85
CA ALA A 63 -20.36 -14.83 8.81
C ALA A 63 -20.78 -15.36 7.45
N PRO A 64 -21.86 -14.84 6.88
CA PRO A 64 -22.30 -15.30 5.56
C PRO A 64 -21.49 -14.67 4.45
N ASP A 65 -21.42 -15.37 3.33
CA ASP A 65 -20.99 -14.80 2.06
C ASP A 65 -22.23 -14.28 1.35
N LEU A 66 -22.21 -13.00 1.00
CA LEU A 66 -23.35 -12.44 0.27
C LEU A 66 -23.60 -13.22 -1.01
N ILE A 67 -24.86 -13.19 -1.46
CA ILE A 67 -25.21 -13.90 -2.69
C ILE A 67 -24.34 -13.39 -3.82
N GLY A 68 -23.84 -14.32 -4.64
CA GLY A 68 -22.94 -13.99 -5.71
C GLY A 68 -21.49 -13.81 -5.33
N MET A 69 -21.13 -14.03 -4.05
CA MET A 69 -19.81 -13.71 -3.54
C MET A 69 -19.34 -14.89 -2.72
N GLY A 70 -18.04 -14.94 -2.49
CA GLY A 70 -17.48 -16.02 -1.69
C GLY A 70 -17.86 -17.37 -2.26
N LYS A 71 -18.31 -18.27 -1.36
CA LYS A 71 -18.73 -19.61 -1.75
C LYS A 71 -20.24 -19.72 -1.92
N SER A 72 -20.97 -18.61 -1.86
CA SER A 72 -22.40 -18.66 -2.06
C SER A 72 -22.73 -18.87 -3.54
N ASP A 73 -23.97 -19.29 -3.80
CA ASP A 73 -24.40 -19.52 -5.18
C ASP A 73 -24.38 -18.22 -5.96
N LYS A 74 -24.43 -18.35 -7.28
CA LYS A 74 -24.25 -17.23 -8.21
C LYS A 74 -25.39 -17.20 -9.20
N PRO A 75 -26.60 -16.89 -8.74
CA PRO A 75 -27.75 -16.81 -9.65
C PRO A 75 -27.61 -15.67 -10.65
N ASP A 76 -28.45 -15.77 -11.69
CA ASP A 76 -28.53 -14.77 -12.75
C ASP A 76 -29.32 -13.58 -12.21
N LEU A 77 -28.61 -12.66 -11.56
CA LEU A 77 -29.23 -11.47 -11.01
C LEU A 77 -28.45 -10.23 -11.42
N GLY A 78 -29.10 -9.08 -11.25
CA GLY A 78 -28.40 -7.81 -11.37
C GLY A 78 -27.53 -7.47 -10.18
N TYR A 79 -27.77 -8.12 -9.04
CA TYR A 79 -26.98 -7.90 -7.83
C TYR A 79 -27.06 -6.45 -7.35
N PHE A 80 -28.27 -5.90 -7.43
CA PHE A 80 -28.56 -4.63 -6.80
C PHE A 80 -28.57 -4.79 -5.28
N PHE A 81 -28.38 -3.68 -4.58
CA PHE A 81 -28.51 -3.71 -3.12
C PHE A 81 -29.82 -4.38 -2.70
N ASP A 82 -30.91 -4.10 -3.41
CA ASP A 82 -32.20 -4.70 -3.06
C ASP A 82 -32.14 -6.22 -3.14
N ASP A 83 -31.35 -6.77 -4.05
CA ASP A 83 -31.19 -8.22 -4.11
C ASP A 83 -30.49 -8.72 -2.85
N HIS A 84 -29.43 -8.04 -2.43
CA HIS A 84 -28.72 -8.45 -1.23
C HIS A 84 -29.61 -8.30 -0.01
N VAL A 85 -30.43 -7.25 0.05
CA VAL A 85 -31.33 -7.08 1.18
C VAL A 85 -32.27 -8.27 1.29
N ARG A 86 -32.84 -8.69 0.16
CA ARG A 86 -33.79 -9.80 0.18
C ARG A 86 -33.12 -11.09 0.65
N PHE A 87 -31.92 -11.37 0.13
CA PHE A 87 -31.25 -12.60 0.50
C PHE A 87 -30.77 -12.57 1.95
N MET A 88 -30.24 -11.42 2.40
CA MET A 88 -29.77 -11.35 3.79
C MET A 88 -30.92 -11.42 4.77
N ASP A 89 -32.06 -10.78 4.45
CA ASP A 89 -33.24 -10.90 5.29
C ASP A 89 -33.63 -12.36 5.43
N ALA A 90 -33.68 -13.09 4.32
CA ALA A 90 -34.07 -14.49 4.33
C ALA A 90 -33.02 -15.35 5.03
N PHE A 91 -31.73 -15.00 4.87
CA PHE A 91 -30.69 -15.73 5.57
C PHE A 91 -30.90 -15.66 7.08
N ILE A 92 -31.13 -14.45 7.59
CA ILE A 92 -31.31 -14.25 9.03
C ILE A 92 -32.52 -15.01 9.52
N GLU A 93 -33.58 -15.05 8.72
CA GLU A 93 -34.78 -15.80 9.09
C GLU A 93 -34.54 -17.30 9.02
N ALA A 94 -33.86 -17.75 7.97
CA ALA A 94 -33.61 -19.19 7.82
C ALA A 94 -32.83 -19.77 8.99
N LEU A 95 -31.97 -18.96 9.61
CA LEU A 95 -31.18 -19.41 10.75
C LEU A 95 -31.91 -19.23 12.08
N GLY A 96 -33.10 -18.65 12.07
CA GLY A 96 -33.86 -18.48 13.30
C GLY A 96 -33.27 -17.49 14.27
N LEU A 97 -32.51 -16.51 13.78
CA LEU A 97 -31.91 -15.53 14.66
C LEU A 97 -32.97 -14.62 15.26
N GLU A 98 -32.83 -14.31 16.54
CA GLU A 98 -33.73 -13.39 17.21
C GLU A 98 -32.97 -12.09 17.45
N GLU A 99 -32.34 -11.90 18.60
CA GLU A 99 -31.47 -10.75 18.80
C GLU A 99 -30.08 -11.09 18.27
N VAL A 100 -29.35 -10.04 17.84
CA VAL A 100 -28.02 -10.21 17.29
C VAL A 100 -27.14 -9.04 17.72
N VAL A 101 -25.83 -9.28 17.68
CA VAL A 101 -24.84 -8.21 17.65
C VAL A 101 -24.29 -8.17 16.22
N LEU A 102 -24.20 -6.99 15.63
CA LEU A 102 -23.69 -6.83 14.28
C LEU A 102 -22.25 -6.37 14.29
N VAL A 103 -21.43 -6.94 13.39
CA VAL A 103 -20.07 -6.50 13.10
C VAL A 103 -19.99 -6.33 11.57
N ILE A 104 -19.86 -5.10 11.10
CA ILE A 104 -20.16 -4.78 9.71
C ILE A 104 -19.16 -3.83 9.07
N HIS A 105 -19.04 -3.95 7.74
CA HIS A 105 -18.02 -3.25 6.96
C HIS A 105 -18.52 -3.00 5.55
N ASP A 106 -18.27 -1.80 5.03
CA ASP A 106 -18.51 -1.48 3.60
C ASP A 106 -19.95 -1.81 3.24
N TRP A 107 -20.24 -2.56 2.17
CA TRP A 107 -21.63 -2.84 1.83
C TRP A 107 -22.29 -3.69 2.90
N GLY A 108 -21.52 -4.49 3.65
CA GLY A 108 -22.07 -5.18 4.80
C GLY A 108 -22.63 -4.22 5.84
N SER A 109 -22.04 -3.05 5.97
CA SER A 109 -22.57 -2.06 6.89
C SER A 109 -23.87 -1.44 6.38
N ALA A 110 -24.01 -1.25 5.06
CA ALA A 110 -25.29 -0.82 4.52
C ALA A 110 -26.37 -1.85 4.83
N LEU A 111 -26.07 -3.13 4.61
CA LEU A 111 -27.02 -4.18 4.93
C LEU A 111 -27.32 -4.20 6.43
N GLY A 112 -26.28 -4.12 7.25
CA GLY A 112 -26.48 -4.22 8.68
C GLY A 112 -27.26 -3.03 9.25
N PHE A 113 -26.88 -1.82 8.85
CA PHE A 113 -27.57 -0.64 9.34
C PHE A 113 -29.02 -0.61 8.84
N HIS A 114 -29.26 -1.01 7.58
CA HIS A 114 -30.62 -1.05 7.05
C HIS A 114 -31.47 -2.07 7.79
N TRP A 115 -30.91 -3.24 8.11
CA TRP A 115 -31.64 -4.22 8.90
C TRP A 115 -31.88 -3.70 10.31
N ALA A 116 -30.87 -3.07 10.92
CA ALA A 116 -31.01 -2.56 12.28
C ALA A 116 -32.07 -1.48 12.34
N LYS A 117 -32.08 -0.57 11.37
CA LYS A 117 -33.10 0.49 11.36
C LYS A 117 -34.51 -0.11 11.29
N ARG A 118 -34.67 -1.21 10.58
CA ARG A 118 -35.97 -1.82 10.41
C ARG A 118 -36.33 -2.74 11.55
N ASN A 119 -35.35 -3.13 12.36
CA ASN A 119 -35.54 -4.08 13.45
C ASN A 119 -34.71 -3.69 14.67
N PRO A 120 -34.83 -2.46 15.16
CA PRO A 120 -33.90 -2.01 16.21
C PRO A 120 -34.01 -2.79 17.50
N GLU A 121 -35.20 -3.28 17.87
CA GLU A 121 -35.34 -3.99 19.14
C GLU A 121 -34.52 -5.27 19.18
N ARG A 122 -34.06 -5.76 18.02
CA ARG A 122 -33.32 -7.01 17.95
C ARG A 122 -31.81 -6.83 17.87
N VAL A 123 -31.32 -5.59 17.90
CA VAL A 123 -29.89 -5.31 17.75
C VAL A 123 -29.36 -4.84 19.10
N LYS A 124 -28.45 -5.63 19.66
CA LYS A 124 -27.89 -5.36 20.99
C LYS A 124 -26.59 -4.56 20.94
N GLY A 125 -25.99 -4.40 19.77
CA GLY A 125 -24.78 -3.63 19.61
C GLY A 125 -24.36 -3.67 18.16
N ILE A 126 -23.64 -2.65 17.71
CA ILE A 126 -23.11 -2.62 16.36
C ILE A 126 -21.66 -2.19 16.44
N ALA A 127 -20.77 -3.04 15.96
CA ALA A 127 -19.38 -2.68 15.70
C ALA A 127 -19.22 -2.47 14.20
N PHE A 128 -18.61 -1.36 13.81
CA PHE A 128 -18.59 -1.00 12.40
C PHE A 128 -17.31 -0.25 12.08
N MET A 129 -17.00 -0.22 10.79
CA MET A 129 -15.77 0.37 10.29
C MET A 129 -15.95 0.61 8.80
N GLU A 130 -15.40 1.71 8.30
CA GLU A 130 -15.32 1.97 6.86
C GLU A 130 -16.65 1.65 6.19
N PHE A 131 -17.68 2.39 6.62
CA PHE A 131 -19.06 2.09 6.32
C PHE A 131 -19.62 3.07 5.29
N ILE A 132 -20.81 2.72 4.79
N ILE A 132 -20.80 2.74 4.76
CA ILE A 132 -21.50 3.47 3.75
CA ILE A 132 -21.41 3.51 3.69
C ILE A 132 -22.32 4.58 4.39
C ILE A 132 -22.33 4.56 4.29
N ARG A 133 -22.07 5.82 3.96
CA ARG A 133 -22.89 6.96 4.33
C ARG A 133 -23.16 7.76 3.07
N PRO A 134 -24.15 8.67 3.10
CA PRO A 134 -24.43 9.47 1.90
C PRO A 134 -23.29 10.41 1.57
N ILE A 135 -22.85 10.37 0.31
CA ILE A 135 -21.81 11.25 -0.19
C ILE A 135 -22.47 12.26 -1.11
N PRO A 136 -22.86 13.44 -0.62
CA PRO A 136 -23.74 14.31 -1.44
C PRO A 136 -23.08 14.86 -2.68
N THR A 137 -21.75 14.97 -2.72
CA THR A 137 -21.06 15.41 -3.91
C THR A 137 -19.80 14.58 -4.11
N TRP A 138 -19.30 14.57 -5.35
CA TRP A 138 -18.02 13.95 -5.64
C TRP A 138 -16.87 14.64 -4.91
N ASP A 139 -17.03 15.93 -4.54
CA ASP A 139 -15.99 16.61 -3.80
CA ASP A 139 -16.00 16.62 -3.79
C ASP A 139 -15.77 16.01 -2.42
N GLU A 140 -16.77 15.32 -1.86
CA GLU A 140 -16.66 14.65 -0.57
C GLU A 140 -16.18 13.20 -0.68
N TRP A 141 -16.02 12.69 -1.89
CA TRP A 141 -15.38 11.41 -2.13
C TRP A 141 -13.86 11.60 -2.13
N PRO A 142 -13.10 10.69 -1.52
CA PRO A 142 -11.64 10.89 -1.45
C PRO A 142 -11.05 11.14 -2.83
N GLU A 143 -10.17 12.15 -2.90
CA GLU A 143 -9.62 12.55 -4.19
C GLU A 143 -8.90 11.40 -4.88
N PHE A 144 -8.13 10.61 -4.13
CA PHE A 144 -7.37 9.53 -4.74
C PHE A 144 -8.26 8.49 -5.40
N ALA A 145 -9.56 8.45 -5.07
CA ALA A 145 -10.47 7.45 -5.60
C ALA A 145 -11.53 8.04 -6.53
N ARG A 146 -11.39 9.31 -6.91
CA ARG A 146 -12.46 10.00 -7.63
C ARG A 146 -12.51 9.58 -9.10
N GLU A 147 -11.37 9.67 -9.80
CA GLU A 147 -11.36 9.37 -11.22
C GLU A 147 -11.78 7.92 -11.47
N THR A 148 -11.28 6.98 -10.67
CA THR A 148 -11.59 5.58 -10.93
C THR A 148 -13.04 5.26 -10.61
N PHE A 149 -13.56 5.73 -9.48
CA PHE A 149 -14.95 5.41 -9.16
C PHE A 149 -15.93 6.13 -10.07
N GLN A 150 -15.54 7.29 -10.59
CA GLN A 150 -16.38 7.92 -11.62
C GLN A 150 -16.42 7.08 -12.89
N ALA A 151 -15.28 6.48 -13.25
CA ALA A 151 -15.26 5.60 -14.42
C ALA A 151 -15.96 4.28 -14.13
N PHE A 152 -15.83 3.77 -12.91
CA PHE A 152 -16.54 2.55 -12.54
C PHE A 152 -18.04 2.71 -12.75
N ARG A 153 -18.58 3.90 -12.52
CA ARG A 153 -20.01 4.16 -12.56
C ARG A 153 -20.52 4.53 -13.95
N THR A 154 -20.05 3.80 -14.95
CA THR A 154 -20.54 3.88 -16.31
C THR A 154 -20.73 2.46 -16.83
N THR A 155 -21.55 2.32 -17.87
CA THR A 155 -21.85 1.02 -18.44
C THR A 155 -20.83 0.59 -19.50
N ASP A 156 -19.96 1.49 -19.96
CA ASP A 156 -18.94 1.11 -20.94
C ASP A 156 -17.58 0.89 -20.28
N VAL A 157 -16.89 1.98 -19.93
CA VAL A 157 -15.56 1.85 -19.35
C VAL A 157 -15.61 1.12 -18.01
N GLY A 158 -16.63 1.40 -17.21
CA GLY A 158 -16.71 0.77 -15.90
C GLY A 158 -16.83 -0.73 -15.98
N ARG A 159 -17.64 -1.22 -16.91
CA ARG A 159 -17.75 -2.67 -17.11
C ARG A 159 -16.47 -3.24 -17.72
N LYS A 160 -15.84 -2.51 -18.63
CA LYS A 160 -14.55 -2.98 -19.17
C LYS A 160 -13.53 -3.13 -18.04
N LEU A 161 -13.46 -2.15 -17.15
CA LEU A 161 -12.48 -2.23 -16.07
C LEU A 161 -12.82 -3.32 -15.07
N ILE A 162 -14.04 -3.31 -14.56
CA ILE A 162 -14.37 -4.22 -13.46
C ILE A 162 -14.65 -5.64 -13.96
N ILE A 163 -15.40 -5.79 -15.04
CA ILE A 163 -15.81 -7.11 -15.48
C ILE A 163 -14.79 -7.74 -16.41
N ASP A 164 -14.32 -7.01 -17.42
CA ASP A 164 -13.39 -7.61 -18.36
C ASP A 164 -11.98 -7.73 -17.78
N GLN A 165 -11.49 -6.71 -17.07
CA GLN A 165 -10.13 -6.69 -16.56
C GLN A 165 -10.01 -6.98 -15.07
N ASN A 166 -11.14 -7.12 -14.37
CA ASN A 166 -11.15 -7.49 -12.96
C ASN A 166 -10.40 -6.49 -12.10
N VAL A 167 -10.56 -5.20 -12.41
CA VAL A 167 -9.81 -4.14 -11.74
C VAL A 167 -10.22 -3.99 -10.28
N PHE A 168 -11.47 -4.30 -9.93
CA PHE A 168 -11.85 -4.17 -8.52
C PHE A 168 -11.13 -5.17 -7.63
N ILE A 169 -10.74 -6.33 -8.17
CA ILE A 169 -10.00 -7.33 -7.40
C ILE A 169 -8.50 -7.06 -7.48
N GLU A 170 -7.99 -6.75 -8.67
CA GLU A 170 -6.55 -6.61 -8.85
C GLU A 170 -6.04 -5.23 -8.47
N GLY A 171 -6.92 -4.23 -8.43
CA GLY A 171 -6.52 -2.89 -8.10
C GLY A 171 -7.17 -2.33 -6.85
N THR A 172 -8.50 -2.23 -6.86
CA THR A 172 -9.19 -1.54 -5.77
C THR A 172 -8.96 -2.25 -4.45
N LEU A 173 -9.05 -3.58 -4.45
CA LEU A 173 -8.85 -4.35 -3.22
C LEU A 173 -7.48 -4.10 -2.60
N PRO A 174 -6.36 -4.35 -3.31
CA PRO A 174 -5.06 -4.10 -2.67
C PRO A 174 -4.85 -2.65 -2.24
N MET A 175 -5.38 -1.67 -2.96
CA MET A 175 -5.20 -0.30 -2.46
C MET A 175 -6.17 0.05 -1.33
N GLY A 176 -6.99 -0.89 -0.87
CA GLY A 176 -7.75 -0.71 0.34
C GLY A 176 -7.08 -1.29 1.55
N VAL A 177 -5.84 -1.77 1.40
CA VAL A 177 -5.05 -2.34 2.49
C VAL A 177 -3.71 -1.62 2.52
N VAL A 178 -3.27 -1.21 3.72
CA VAL A 178 -1.98 -0.53 3.84
C VAL A 178 -0.83 -1.48 3.54
N ARG A 179 -0.78 -2.61 4.23
CA ARG A 179 0.25 -3.60 3.99
C ARG A 179 0.02 -4.27 2.64
N PRO A 180 1.06 -4.87 2.06
CA PRO A 180 0.87 -5.60 0.80
C PRO A 180 0.18 -6.94 1.07
N LEU A 181 -0.89 -7.21 0.35
CA LEU A 181 -1.51 -8.54 0.46
C LEU A 181 -0.62 -9.57 -0.24
N THR A 182 -0.50 -10.74 0.39
CA THR A 182 0.32 -11.81 -0.16
C THR A 182 -0.41 -12.53 -1.28
N GLU A 183 0.36 -13.31 -2.06
CA GLU A 183 -0.25 -14.05 -3.16
C GLU A 183 -1.32 -15.01 -2.67
N VAL A 184 -1.10 -15.66 -1.52
CA VAL A 184 -2.10 -16.57 -0.97
C VAL A 184 -3.38 -15.80 -0.66
N GLU A 185 -3.24 -14.64 -0.01
CA GLU A 185 -4.41 -13.85 0.35
C GLU A 185 -5.15 -13.37 -0.90
N MET A 186 -4.40 -12.86 -1.90
CA MET A 186 -5.03 -12.44 -3.15
C MET A 186 -5.76 -13.60 -3.82
N ASP A 187 -5.18 -14.81 -3.78
CA ASP A 187 -5.82 -15.96 -4.41
C ASP A 187 -7.15 -16.30 -3.72
N HIS A 188 -7.21 -16.15 -2.40
CA HIS A 188 -8.48 -16.34 -1.71
C HIS A 188 -9.52 -15.33 -2.19
N TYR A 189 -9.13 -14.06 -2.31
CA TYR A 189 -10.08 -13.06 -2.77
C TYR A 189 -10.43 -13.23 -4.25
N ARG A 190 -9.50 -13.75 -5.04
CA ARG A 190 -9.76 -13.92 -6.48
C ARG A 190 -10.71 -15.09 -6.74
N GLU A 191 -10.74 -16.07 -5.85
CA GLU A 191 -11.35 -17.36 -6.17
C GLU A 191 -12.78 -17.25 -6.67
N PRO A 192 -13.66 -16.44 -6.07
CA PRO A 192 -15.06 -16.41 -6.53
C PRO A 192 -15.25 -15.77 -7.90
N PHE A 193 -14.23 -15.11 -8.45
CA PHE A 193 -14.38 -14.25 -9.62
C PHE A 193 -13.42 -14.60 -10.75
N LEU A 194 -12.91 -15.84 -10.76
CA LEU A 194 -12.00 -16.24 -11.83
C LEU A 194 -12.67 -16.15 -13.19
N ASN A 195 -13.97 -16.41 -13.27
CA ASN A 195 -14.70 -16.33 -14.53
C ASN A 195 -15.33 -14.94 -14.68
N PRO A 196 -15.06 -14.20 -15.76
CA PRO A 196 -15.67 -12.87 -15.89
C PRO A 196 -17.19 -12.87 -15.80
N VAL A 197 -17.86 -13.96 -16.16
CA VAL A 197 -19.31 -13.99 -16.16
C VAL A 197 -19.89 -13.94 -14.75
N ASP A 198 -19.04 -14.06 -13.73
CA ASP A 198 -19.47 -14.06 -12.35
C ASP A 198 -19.17 -12.75 -11.64
N ARG A 199 -18.78 -11.71 -12.38
CA ARG A 199 -18.28 -10.48 -11.79
C ARG A 199 -19.32 -9.36 -11.69
N GLU A 200 -20.58 -9.65 -11.99
CA GLU A 200 -21.60 -8.60 -11.93
C GLU A 200 -21.69 -7.93 -10.57
N PRO A 201 -21.64 -8.64 -9.43
CA PRO A 201 -21.72 -7.93 -8.14
C PRO A 201 -20.62 -6.90 -7.97
N LEU A 202 -19.44 -7.16 -8.53
CA LEU A 202 -18.31 -6.25 -8.35
C LEU A 202 -18.54 -4.93 -9.05
N TRP A 203 -19.31 -4.92 -10.14
CA TRP A 203 -19.61 -3.69 -10.86
C TRP A 203 -20.88 -3.02 -10.34
N ARG A 204 -21.91 -3.80 -10.01
CA ARG A 204 -23.16 -3.16 -9.58
C ARG A 204 -23.00 -2.48 -8.22
N PHE A 205 -22.20 -3.06 -7.33
CA PHE A 205 -21.98 -2.46 -6.02
C PHE A 205 -21.47 -1.03 -6.11
N PRO A 206 -20.37 -0.73 -6.80
CA PRO A 206 -19.93 0.67 -6.88
C PRO A 206 -20.94 1.57 -7.56
N ASN A 207 -21.78 1.01 -8.44
CA ASN A 207 -22.87 1.76 -9.07
C ASN A 207 -24.04 1.98 -8.13
N GLU A 208 -24.07 1.29 -6.98
CA GLU A 208 -25.09 1.51 -5.97
C GLU A 208 -24.65 2.49 -4.88
N LEU A 209 -23.37 2.86 -4.83
CA LEU A 209 -22.90 3.76 -3.79
C LEU A 209 -23.69 5.07 -3.86
N PRO A 210 -24.12 5.61 -2.70
CA PRO A 210 -24.91 6.86 -2.72
C PRO A 210 -24.03 8.11 -2.87
N ILE A 211 -23.71 8.43 -4.12
CA ILE A 211 -22.81 9.53 -4.46
C ILE A 211 -23.52 10.50 -5.37
N ALA A 212 -23.54 11.77 -4.99
CA ALA A 212 -24.08 12.85 -5.83
C ALA A 212 -25.54 12.59 -6.19
N GLY A 213 -26.28 12.00 -5.26
CA GLY A 213 -27.70 11.82 -5.41
C GLY A 213 -28.13 10.60 -6.20
N GLU A 214 -27.19 9.75 -6.63
CA GLU A 214 -27.52 8.59 -7.44
C GLU A 214 -26.91 7.35 -6.81
N PRO A 215 -27.64 6.23 -6.80
CA PRO A 215 -29.05 6.03 -7.19
C PRO A 215 -29.96 6.59 -6.10
N ALA A 216 -31.04 7.27 -6.46
CA ALA A 216 -31.85 7.98 -5.47
C ALA A 216 -32.39 7.05 -4.40
N ASN A 217 -32.76 5.82 -4.78
CA ASN A 217 -33.31 4.88 -3.81
C ASN A 217 -32.29 4.54 -2.73
N ILE A 218 -31.02 4.38 -3.10
CA ILE A 218 -29.98 4.06 -2.13
C ILE A 218 -29.68 5.28 -1.27
N VAL A 219 -29.60 6.46 -1.88
CA VAL A 219 -29.38 7.69 -1.11
C VAL A 219 -30.43 7.82 -0.01
N ALA A 220 -31.69 7.54 -0.34
CA ALA A 220 -32.76 7.70 0.64
C ALA A 220 -32.64 6.69 1.76
N LEU A 221 -32.37 5.42 1.42
CA LEU A 221 -32.23 4.38 2.43
C LEU A 221 -31.02 4.62 3.33
N VAL A 222 -29.91 5.09 2.77
CA VAL A 222 -28.73 5.34 3.58
C VAL A 222 -28.94 6.56 4.46
N GLU A 223 -29.57 7.62 3.91
CA GLU A 223 -29.91 8.77 4.74
C GLU A 223 -30.80 8.36 5.90
N GLU A 224 -31.74 7.43 5.65
CA GLU A 224 -32.66 7.01 6.69
C GLU A 224 -31.94 6.23 7.80
N TYR A 225 -31.05 5.31 7.45
CA TYR A 225 -30.37 4.56 8.52
C TYR A 225 -29.33 5.40 9.25
N MET A 226 -28.80 6.44 8.60
CA MET A 226 -27.89 7.36 9.31
C MET A 226 -28.65 8.25 10.27
N ASP A 227 -29.86 8.69 9.89
CA ASP A 227 -30.70 9.42 10.83
C ASP A 227 -31.06 8.53 12.01
N TRP A 228 -31.42 7.28 11.74
CA TRP A 228 -31.73 6.35 12.83
C TRP A 228 -30.53 6.17 13.76
N LEU A 229 -29.35 5.96 13.19
CA LEU A 229 -28.16 5.73 14.01
C LEU A 229 -27.88 6.93 14.91
N HIS A 230 -28.08 8.14 14.40
CA HIS A 230 -27.81 9.34 15.18
C HIS A 230 -28.78 9.52 16.33
N GLN A 231 -29.92 8.83 16.32
CA GLN A 231 -30.92 8.94 17.36
C GLN A 231 -30.99 7.70 18.26
N SER A 232 -30.28 6.63 17.91
CA SER A 232 -30.48 5.35 18.58
C SER A 232 -29.57 5.21 19.79
N PRO A 233 -30.09 4.66 20.89
CA PRO A 233 -29.23 4.36 22.04
C PRO A 233 -28.44 3.05 21.92
N VAL A 234 -28.46 2.38 20.78
CA VAL A 234 -27.77 1.09 20.66
C VAL A 234 -26.28 1.28 20.93
N PRO A 235 -25.63 0.37 21.65
CA PRO A 235 -24.18 0.48 21.82
C PRO A 235 -23.48 0.42 20.46
N LYS A 236 -22.53 1.32 20.26
CA LYS A 236 -21.81 1.44 19.01
C LYS A 236 -20.31 1.40 19.28
N LEU A 237 -19.59 0.69 18.43
CA LEU A 237 -18.14 0.58 18.50
C LEU A 237 -17.64 0.85 17.08
N LEU A 238 -16.94 1.97 16.92
CA LEU A 238 -16.44 2.41 15.62
C LEU A 238 -14.93 2.24 15.58
N PHE A 239 -14.44 1.44 14.65
CA PHE A 239 -13.01 1.35 14.36
C PHE A 239 -12.69 2.26 13.18
N TRP A 240 -11.57 2.97 13.30
CA TRP A 240 -11.12 3.86 12.24
C TRP A 240 -9.59 3.84 12.16
N GLY A 241 -9.07 4.20 11.00
CA GLY A 241 -7.64 4.25 10.78
C GLY A 241 -7.22 5.47 9.98
N THR A 242 -5.91 5.62 9.82
CA THR A 242 -5.31 6.70 9.07
C THR A 242 -4.51 6.13 7.91
N PRO A 243 -4.70 6.62 6.68
CA PRO A 243 -5.56 7.75 6.29
C PRO A 243 -7.03 7.39 6.13
N GLY A 244 -7.38 6.11 6.11
CA GLY A 244 -8.77 5.72 5.87
C GLY A 244 -9.16 5.95 4.42
N VAL A 245 -10.39 5.57 4.10
CA VAL A 245 -10.94 5.79 2.78
C VAL A 245 -12.34 6.39 2.91
N LEU A 246 -13.32 5.57 3.27
CA LEU A 246 -14.69 6.06 3.44
C LEU A 246 -14.85 6.89 4.71
N ILE A 247 -14.07 6.59 5.75
CA ILE A 247 -14.16 7.25 7.05
C ILE A 247 -12.78 7.80 7.42
N PRO A 248 -12.40 8.96 6.88
CA PRO A 248 -11.11 9.55 7.24
C PRO A 248 -11.10 9.99 8.68
N PRO A 249 -9.92 10.25 9.25
CA PRO A 249 -9.87 10.66 10.68
C PRO A 249 -10.82 11.79 11.03
N ALA A 250 -10.99 12.78 10.15
CA ALA A 250 -11.88 13.89 10.45
C ALA A 250 -13.32 13.42 10.58
N GLU A 251 -13.74 12.48 9.73
CA GLU A 251 -15.11 11.99 9.79
C GLU A 251 -15.31 11.11 11.03
N ALA A 252 -14.32 10.29 11.37
CA ALA A 252 -14.40 9.52 12.61
C ALA A 252 -14.56 10.44 13.81
N ALA A 253 -13.85 11.57 13.81
CA ALA A 253 -13.99 12.52 14.90
C ALA A 253 -15.40 13.08 14.97
N ARG A 254 -15.93 13.50 13.83
CA ARG A 254 -17.30 14.02 13.80
C ARG A 254 -18.27 12.97 14.32
N LEU A 255 -18.07 11.70 13.95
CA LEU A 255 -18.98 10.64 14.37
C LEU A 255 -18.83 10.35 15.85
N ALA A 256 -17.59 10.35 16.37
CA ALA A 256 -17.39 10.15 17.80
C ALA A 256 -18.21 11.14 18.62
N LYS A 257 -18.25 12.40 18.17
CA LYS A 257 -18.95 13.44 18.92
C LYS A 257 -20.46 13.31 18.80
N SER A 258 -20.95 12.86 17.63
CA SER A 258 -22.37 12.97 17.30
C SER A 258 -23.18 11.71 17.56
N LEU A 259 -22.56 10.53 17.47
CA LEU A 259 -23.33 9.30 17.65
C LEU A 259 -23.50 8.99 19.13
N PRO A 260 -24.70 8.65 19.58
CA PRO A 260 -24.88 8.31 21.00
C PRO A 260 -24.26 6.96 21.35
N ASN A 261 -23.78 6.88 22.59
CA ASN A 261 -23.32 5.60 23.15
CA ASN A 261 -23.29 5.63 23.18
C ASN A 261 -22.27 4.94 22.26
N CYS A 262 -21.30 5.72 21.83
CA CYS A 262 -20.32 5.27 20.84
C CYS A 262 -18.92 5.40 21.40
N LYS A 263 -18.13 4.34 21.21
CA LYS A 263 -16.71 4.36 21.48
C LYS A 263 -15.98 4.24 20.14
N ALA A 264 -15.07 5.17 19.88
CA ALA A 264 -14.27 5.16 18.66
C ALA A 264 -12.89 4.63 18.99
N VAL A 265 -12.41 3.70 18.18
CA VAL A 265 -11.14 3.03 18.45
C VAL A 265 -10.23 3.24 17.24
N ASP A 266 -9.08 3.86 17.48
CA ASP A 266 -8.06 4.14 16.47
C ASP A 266 -7.21 2.89 16.29
N ILE A 267 -7.19 2.33 15.08
CA ILE A 267 -6.44 1.10 14.82
C ILE A 267 -5.05 1.36 14.28
N GLY A 268 -4.66 2.62 14.10
CA GLY A 268 -3.38 2.91 13.48
C GLY A 268 -3.51 3.03 11.97
N PRO A 269 -2.48 2.64 11.24
CA PRO A 269 -2.56 2.67 9.78
C PRO A 269 -3.74 1.85 9.26
N GLY A 270 -4.46 2.43 8.29
CA GLY A 270 -5.57 1.74 7.67
C GLY A 270 -6.18 2.49 6.50
N LEU A 271 -6.76 1.76 5.55
CA LEU A 271 -7.41 2.36 4.40
C LEU A 271 -8.88 1.96 4.44
N ASN A 272 -9.30 0.93 3.70
CA ASN A 272 -10.68 0.46 3.76
C ASN A 272 -10.82 -0.86 4.50
N LEU A 273 -10.01 -1.86 4.15
CA LEU A 273 -10.08 -3.18 4.75
C LEU A 273 -9.29 -3.18 6.06
N LEU A 274 -9.85 -2.47 7.05
CA LEU A 274 -9.13 -2.34 8.32
C LEU A 274 -8.82 -3.70 8.95
N GLN A 275 -9.67 -4.70 8.69
CA GLN A 275 -9.44 -6.02 9.24
C GLN A 275 -8.10 -6.60 8.81
N GLU A 276 -7.59 -6.19 7.64
CA GLU A 276 -6.35 -6.75 7.12
C GLU A 276 -5.11 -6.07 7.67
N ASP A 277 -5.26 -4.87 8.24
CA ASP A 277 -4.14 -4.13 8.80
C ASP A 277 -3.98 -4.30 10.30
N ASN A 278 -5.06 -4.45 11.07
CA ASN A 278 -4.96 -4.64 12.52
C ASN A 278 -6.06 -5.57 13.03
N PRO A 279 -6.05 -6.82 12.58
CA PRO A 279 -7.05 -7.78 13.10
C PRO A 279 -6.90 -8.03 14.57
N ASP A 280 -5.67 -8.01 15.10
CA ASP A 280 -5.46 -8.28 16.52
C ASP A 280 -6.23 -7.30 17.38
N LEU A 281 -6.11 -6.00 17.09
CA LEU A 281 -6.78 -5.01 17.91
C LEU A 281 -8.29 -5.05 17.68
N ILE A 282 -8.72 -5.20 16.42
CA ILE A 282 -10.15 -5.22 16.14
C ILE A 282 -10.82 -6.39 16.83
N GLY A 283 -10.23 -7.59 16.69
CA GLY A 283 -10.81 -8.75 17.35
C GLY A 283 -10.75 -8.67 18.86
N SER A 284 -9.62 -8.21 19.41
CA SER A 284 -9.51 -8.13 20.86
C SER A 284 -10.49 -7.12 21.44
N GLU A 285 -10.64 -5.98 20.76
CA GLU A 285 -11.53 -4.93 21.26
C GLU A 285 -12.99 -5.37 21.16
N ILE A 286 -13.39 -6.05 20.07
CA ILE A 286 -14.75 -6.57 20.01
C ILE A 286 -14.98 -7.55 21.14
N ALA A 287 -14.02 -8.44 21.40
CA ALA A 287 -14.19 -9.44 22.45
C ALA A 287 -14.40 -8.76 23.81
N ARG A 288 -13.64 -7.71 24.10
CA ARG A 288 -13.84 -6.97 25.34
C ARG A 288 -15.19 -6.25 25.38
N TRP A 289 -15.56 -5.62 24.27
CA TRP A 289 -16.78 -4.82 24.22
C TRP A 289 -18.03 -5.67 24.39
N LEU A 290 -18.03 -6.90 23.86
CA LEU A 290 -19.23 -7.71 23.94
C LEU A 290 -19.68 -7.94 25.38
N SER A 291 -18.73 -8.01 26.31
CA SER A 291 -19.08 -8.23 27.71
C SER A 291 -19.85 -7.07 28.32
N THR A 292 -19.86 -5.90 27.68
CA THR A 292 -20.55 -4.74 28.21
C THR A 292 -21.99 -4.62 27.70
N LEU A 293 -22.40 -5.49 26.78
CA LEU A 293 -23.73 -5.41 26.17
C LEU A 293 -24.75 -6.18 26.99
N ILE B 4 9.15 7.28 13.35
CA ILE B 4 10.08 7.57 12.27
C ILE B 4 10.11 9.06 12.00
N GLY B 5 11.31 9.64 12.02
CA GLY B 5 11.44 11.08 11.97
C GLY B 5 11.05 11.62 10.61
N THR B 6 10.38 12.79 10.63
CA THR B 6 9.95 13.47 9.43
C THR B 6 10.77 14.70 9.09
N GLY B 7 11.60 15.18 10.01
CA GLY B 7 12.37 16.38 9.78
C GLY B 7 13.60 16.13 8.92
N PHE B 8 14.17 17.23 8.42
CA PHE B 8 15.38 17.20 7.60
C PHE B 8 16.33 18.23 8.19
N PRO B 9 17.03 17.86 9.26
CA PRO B 9 17.80 18.85 10.02
C PRO B 9 19.22 19.06 9.52
N PHE B 10 19.41 19.04 8.20
CA PHE B 10 20.73 19.18 7.60
C PHE B 10 20.84 20.51 6.87
N ASP B 11 21.92 21.25 7.15
CA ASP B 11 22.18 22.51 6.48
C ASP B 11 22.54 22.29 5.02
N PRO B 12 22.07 23.13 4.10
CA PRO B 12 22.39 22.93 2.69
C PRO B 12 23.82 23.25 2.31
N HIS B 13 24.36 22.45 1.38
CA HIS B 13 25.62 22.70 0.71
C HIS B 13 25.39 22.57 -0.78
N TYR B 14 26.12 23.35 -1.57
CA TYR B 14 26.04 23.28 -3.02
C TYR B 14 27.44 23.26 -3.62
N VAL B 15 27.58 22.53 -4.73
CA VAL B 15 28.79 22.58 -5.55
C VAL B 15 28.37 22.78 -7.00
N GLU B 16 29.10 23.63 -7.71
CA GLU B 16 28.81 23.88 -9.11
C GLU B 16 29.44 22.79 -9.97
N VAL B 17 28.62 22.16 -10.80
CA VAL B 17 29.02 21.01 -11.61
C VAL B 17 28.46 21.22 -13.00
N LEU B 18 29.33 21.29 -13.99
CA LEU B 18 28.91 21.42 -15.39
C LEU B 18 27.95 22.59 -15.57
N GLY B 19 28.23 23.68 -14.87
CA GLY B 19 27.42 24.88 -14.95
C GLY B 19 26.13 24.85 -14.18
N GLU B 20 25.91 23.83 -13.35
CA GLU B 20 24.70 23.73 -12.55
C GLU B 20 25.09 23.47 -11.11
N ARG B 21 24.18 23.82 -10.19
CA ARG B 21 24.38 23.61 -8.77
C ARG B 21 23.74 22.30 -8.32
N MET B 22 24.48 21.52 -7.54
CA MET B 22 23.98 20.27 -6.95
C MET B 22 23.98 20.44 -5.44
N HIS B 23 22.83 20.22 -4.83
CA HIS B 23 22.69 20.27 -3.38
C HIS B 23 23.20 18.98 -2.75
N TYR B 24 23.79 19.10 -1.56
CA TYR B 24 24.19 17.89 -0.83
C TYR B 24 24.22 18.14 0.67
N VAL B 25 23.96 17.08 1.39
CA VAL B 25 24.20 17.00 2.84
C VAL B 25 25.67 16.69 3.07
N ASP B 26 26.26 17.30 4.10
CA ASP B 26 27.66 17.03 4.46
C ASP B 26 27.78 17.26 5.96
N VAL B 27 27.82 16.17 6.72
CA VAL B 27 27.92 16.26 8.17
C VAL B 27 28.95 15.25 8.69
N GLY B 28 29.30 15.41 9.97
CA GLY B 28 30.22 14.51 10.63
C GLY B 28 31.66 14.92 10.58
N PRO B 29 32.52 14.06 11.12
CA PRO B 29 33.95 14.39 11.17
C PRO B 29 34.51 14.67 9.80
N ARG B 30 35.54 15.52 9.74
CA ARG B 30 36.13 15.88 8.46
C ARG B 30 37.16 14.86 7.97
N ASP B 31 37.84 14.17 8.87
CA ASP B 31 38.86 13.22 8.48
C ASP B 31 38.24 11.83 8.32
N GLY B 32 39.03 10.91 7.75
CA GLY B 32 38.56 9.56 7.55
C GLY B 32 37.85 9.36 6.22
N THR B 33 37.47 8.11 5.99
CA THR B 33 36.81 7.75 4.75
C THR B 33 35.36 8.25 4.77
N PRO B 34 34.94 9.02 3.78
CA PRO B 34 33.54 9.48 3.76
C PRO B 34 32.59 8.38 3.30
N VAL B 35 31.35 8.51 3.73
CA VAL B 35 30.26 7.61 3.36
C VAL B 35 29.33 8.40 2.44
N LEU B 36 29.18 7.91 1.21
CA LEU B 36 28.44 8.62 0.17
C LEU B 36 27.10 7.92 -0.04
N PHE B 37 26.01 8.66 0.19
CA PHE B 37 24.65 8.14 0.12
C PHE B 37 24.01 8.60 -1.18
N LEU B 38 23.53 7.68 -2.01
CA LEU B 38 22.96 8.02 -3.31
C LEU B 38 21.52 7.53 -3.40
N HIS B 39 20.59 8.47 -3.52
CA HIS B 39 19.17 8.18 -3.67
C HIS B 39 18.80 7.91 -5.14
N GLY B 40 17.55 7.49 -5.34
CA GLY B 40 17.00 7.21 -6.65
C GLY B 40 15.72 7.99 -6.92
N ASN B 41 14.82 7.34 -7.67
CA ASN B 41 13.58 7.94 -8.14
C ASN B 41 12.40 7.47 -7.30
N PRO B 42 11.50 8.36 -6.86
CA PRO B 42 11.46 9.81 -7.04
C PRO B 42 11.85 10.57 -5.77
N THR B 43 12.96 10.18 -5.14
CA THR B 43 13.32 10.68 -3.83
C THR B 43 14.42 11.75 -3.94
N SER B 44 15.10 12.00 -2.83
CA SER B 44 16.21 12.94 -2.72
C SER B 44 17.01 12.50 -1.51
N SER B 45 17.94 13.34 -1.07
CA SER B 45 18.67 13.05 0.16
C SER B 45 17.73 12.91 1.36
N TYR B 46 16.50 13.41 1.25
CA TYR B 46 15.50 13.22 2.29
C TYR B 46 15.31 11.76 2.65
N VAL B 47 15.46 10.84 1.68
CA VAL B 47 15.27 9.41 1.95
C VAL B 47 16.31 8.86 2.91
N TRP B 48 17.43 9.58 3.11
CA TRP B 48 18.49 9.14 4.01
C TRP B 48 18.42 9.82 5.36
N ARG B 49 17.38 10.62 5.64
CA ARG B 49 17.43 11.50 6.80
C ARG B 49 17.52 10.75 8.13
N ASN B 50 16.96 9.54 8.19
CA ASN B 50 16.95 8.75 9.41
C ASN B 50 18.02 7.67 9.41
N ILE B 51 18.78 7.57 8.33
CA ILE B 51 19.92 6.66 8.26
C ILE B 51 21.20 7.36 8.68
N ILE B 52 21.42 8.55 8.12
CA ILE B 52 22.63 9.32 8.37
C ILE B 52 22.93 9.51 9.86
N PRO B 53 21.95 9.78 10.73
CA PRO B 53 22.31 10.00 12.14
C PRO B 53 22.93 8.80 12.84
N HIS B 54 22.78 7.60 12.29
CA HIS B 54 23.46 6.44 12.87
C HIS B 54 24.95 6.42 12.51
N VAL B 55 25.33 7.13 11.45
CA VAL B 55 26.68 7.07 10.89
C VAL B 55 27.47 8.34 11.17
N ALA B 56 26.81 9.50 11.05
CA ALA B 56 27.51 10.77 11.19
C ALA B 56 28.25 10.95 12.52
N PRO B 57 27.85 10.35 13.64
CA PRO B 57 28.67 10.50 14.86
C PRO B 57 30.10 10.06 14.68
N THR B 58 30.36 9.11 13.77
CA THR B 58 31.71 8.55 13.63
C THR B 58 32.28 8.61 12.22
N HIS B 59 31.49 9.01 11.21
CA HIS B 59 31.98 9.08 9.84
C HIS B 59 31.37 10.26 9.11
N ARG B 60 32.15 10.88 8.24
CA ARG B 60 31.62 11.91 7.37
C ARG B 60 30.54 11.31 6.48
N CYS B 61 29.40 11.99 6.40
CA CYS B 61 28.30 11.56 5.55
C CYS B 61 28.01 12.62 4.49
N ILE B 62 27.99 12.20 3.23
CA ILE B 62 27.72 13.07 2.09
C ILE B 62 26.54 12.49 1.34
N ALA B 63 25.50 13.30 1.12
CA ALA B 63 24.29 12.83 0.44
C ALA B 63 23.85 13.85 -0.60
N PRO B 64 24.23 13.67 -1.87
CA PRO B 64 23.82 14.63 -2.91
C PRO B 64 22.41 14.38 -3.41
N ASP B 65 21.79 15.45 -3.91
CA ASP B 65 20.55 15.36 -4.68
C ASP B 65 20.91 15.27 -6.16
N LEU B 66 20.41 14.25 -6.83
CA LEU B 66 20.67 14.10 -8.26
C LEU B 66 20.23 15.35 -9.02
N ILE B 67 20.88 15.60 -10.16
CA ILE B 67 20.51 16.75 -10.97
C ILE B 67 19.03 16.64 -11.34
N GLY B 68 18.32 17.75 -11.25
CA GLY B 68 16.90 17.78 -11.51
C GLY B 68 16.01 17.31 -10.37
N MET B 69 16.59 16.99 -9.22
CA MET B 69 15.86 16.41 -8.11
C MET B 69 16.24 17.13 -6.82
N GLY B 70 15.38 16.95 -5.80
CA GLY B 70 15.67 17.59 -4.53
C GLY B 70 15.86 19.07 -4.68
N LYS B 71 16.92 19.59 -4.07
CA LYS B 71 17.24 21.00 -4.11
C LYS B 71 18.26 21.34 -5.19
N SER B 72 18.61 20.39 -6.04
CA SER B 72 19.56 20.65 -7.12
C SER B 72 18.89 21.40 -8.26
N ASP B 73 19.72 22.01 -9.10
CA ASP B 73 19.23 22.78 -10.23
C ASP B 73 18.52 21.87 -11.25
N LYS B 74 17.76 22.50 -12.14
CA LYS B 74 16.85 21.81 -13.04
C LYS B 74 17.10 22.26 -14.47
N PRO B 75 18.25 21.92 -15.03
CA PRO B 75 18.54 22.29 -16.41
C PRO B 75 17.62 21.58 -17.41
N ASP B 76 17.62 22.10 -18.63
CA ASP B 76 16.85 21.51 -19.73
C ASP B 76 17.63 20.32 -20.28
N LEU B 77 17.39 19.15 -19.69
CA LEU B 77 18.05 17.92 -20.09
C LEU B 77 16.99 16.86 -20.33
N GLY B 78 17.38 15.79 -21.02
CA GLY B 78 16.53 14.63 -21.11
C GLY B 78 16.52 13.80 -19.84
N TYR B 79 17.52 13.99 -18.98
CA TYR B 79 17.62 13.28 -17.71
C TYR B 79 17.71 11.77 -17.93
N PHE B 80 18.44 11.38 -18.97
CA PHE B 80 18.84 10.00 -19.15
C PHE B 80 19.84 9.62 -18.06
N PHE B 81 19.96 8.32 -17.82
CA PHE B 81 20.98 7.84 -16.89
C PHE B 81 22.35 8.42 -17.23
N ASP B 82 22.67 8.52 -18.53
CA ASP B 82 23.96 9.07 -18.92
C ASP B 82 24.15 10.49 -18.41
N ASP B 83 23.05 11.27 -18.36
CA ASP B 83 23.14 12.62 -17.82
C ASP B 83 23.49 12.58 -16.34
N HIS B 84 22.86 11.68 -15.61
CA HIS B 84 23.14 11.56 -14.18
C HIS B 84 24.57 11.07 -13.92
N VAL B 85 25.07 10.18 -14.78
CA VAL B 85 26.44 9.72 -14.63
C VAL B 85 27.42 10.88 -14.76
N ARG B 86 27.20 11.73 -15.77
CA ARG B 86 28.11 12.84 -15.99
C ARG B 86 28.10 13.78 -14.79
N PHE B 87 26.92 14.08 -14.25
CA PHE B 87 26.83 15.00 -13.12
C PHE B 87 27.39 14.37 -11.85
N MET B 88 27.10 13.10 -11.60
CA MET B 88 27.64 12.46 -10.40
C MET B 88 29.16 12.30 -10.47
N ASP B 89 29.68 11.95 -11.65
CA ASP B 89 31.14 11.89 -11.80
C ASP B 89 31.77 13.23 -11.43
N ALA B 90 31.19 14.32 -11.95
CA ALA B 90 31.74 15.64 -11.66
C ALA B 90 31.56 16.04 -10.21
N PHE B 91 30.45 15.63 -9.59
CA PHE B 91 30.24 15.91 -8.17
C PHE B 91 31.33 15.28 -7.33
N ILE B 92 31.61 13.99 -7.56
CA ILE B 92 32.62 13.29 -6.76
C ILE B 92 33.99 13.93 -6.95
N GLU B 93 34.30 14.36 -8.18
CA GLU B 93 35.58 15.02 -8.41
C GLU B 93 35.62 16.39 -7.76
N ALA B 94 34.53 17.16 -7.86
CA ALA B 94 34.51 18.50 -7.29
C ALA B 94 34.72 18.48 -5.80
N LEU B 95 34.29 17.43 -5.11
CA LEU B 95 34.48 17.33 -3.67
C LEU B 95 35.84 16.76 -3.29
N GLY B 96 36.64 16.36 -4.28
CA GLY B 96 37.96 15.84 -3.99
C GLY B 96 37.95 14.51 -3.28
N LEU B 97 36.90 13.72 -3.44
CA LEU B 97 36.82 12.44 -2.77
C LEU B 97 37.85 11.49 -3.37
N GLU B 98 38.52 10.73 -2.50
CA GLU B 98 39.46 9.72 -2.94
C GLU B 98 38.82 8.37 -2.69
N GLU B 99 39.04 7.73 -1.54
CA GLU B 99 38.33 6.52 -1.20
C GLU B 99 36.97 6.85 -0.59
N VAL B 100 35.99 5.98 -0.82
CA VAL B 100 34.65 6.17 -0.30
C VAL B 100 34.05 4.83 0.10
N VAL B 101 33.06 4.90 1.00
CA VAL B 101 32.10 3.83 1.22
C VAL B 101 30.79 4.29 0.59
N LEU B 102 30.15 3.43 -0.18
CA LEU B 102 28.90 3.75 -0.86
C LEU B 102 27.71 3.14 -0.12
N VAL B 103 26.64 3.93 0.00
CA VAL B 103 25.35 3.48 0.51
C VAL B 103 24.33 3.90 -0.54
N ILE B 104 23.73 2.95 -1.23
CA ILE B 104 23.06 3.25 -2.49
C ILE B 104 21.72 2.52 -2.62
N HIS B 105 20.83 3.13 -3.40
CA HIS B 105 19.46 2.68 -3.51
C HIS B 105 18.90 3.04 -4.88
N ASP B 106 18.19 2.09 -5.49
CA ASP B 106 17.41 2.36 -6.72
C ASP B 106 18.35 2.98 -7.76
N TRP B 107 18.00 4.07 -8.41
CA TRP B 107 18.87 4.63 -9.44
C TRP B 107 20.20 5.10 -8.87
N GLY B 108 20.23 5.48 -7.59
CA GLY B 108 21.50 5.77 -6.95
C GLY B 108 22.43 4.57 -6.93
N SER B 109 21.89 3.37 -6.90
CA SER B 109 22.72 2.18 -6.95
C SER B 109 23.29 1.95 -8.34
N ALA B 110 22.53 2.28 -9.39
CA ALA B 110 23.10 2.20 -10.73
C ALA B 110 24.28 3.16 -10.85
N LEU B 111 24.15 4.37 -10.33
CA LEU B 111 25.26 5.31 -10.34
C LEU B 111 26.43 4.78 -9.52
N GLY B 112 26.15 4.29 -8.30
CA GLY B 112 27.23 3.83 -7.45
C GLY B 112 27.95 2.62 -7.99
N PHE B 113 27.20 1.62 -8.46
CA PHE B 113 27.84 0.42 -8.99
C PHE B 113 28.62 0.73 -10.26
N HIS B 114 28.08 1.61 -11.12
CA HIS B 114 28.78 1.97 -12.35
C HIS B 114 30.07 2.72 -12.04
N TRP B 115 30.03 3.63 -11.06
CA TRP B 115 31.24 4.33 -10.64
C TRP B 115 32.24 3.36 -10.01
N ALA B 116 31.75 2.44 -9.18
CA ALA B 116 32.63 1.49 -8.51
C ALA B 116 33.32 0.58 -9.51
N LYS B 117 32.59 0.10 -10.53
CA LYS B 117 33.19 -0.74 -11.54
C LYS B 117 34.34 -0.02 -12.22
N ARG B 118 34.18 1.29 -12.44
CA ARG B 118 35.19 2.08 -13.12
C ARG B 118 36.29 2.54 -12.19
N ASN B 119 36.09 2.49 -10.89
CA ASN B 119 37.04 2.99 -9.90
C ASN B 119 37.06 2.05 -8.70
N PRO B 120 37.27 0.75 -8.90
CA PRO B 120 37.10 -0.20 -7.79
C PRO B 120 38.08 0.02 -6.65
N GLU B 121 39.29 0.47 -6.95
CA GLU B 121 40.30 0.65 -5.90
C GLU B 121 39.91 1.74 -4.91
N ARG B 122 38.97 2.60 -5.26
CA ARG B 122 38.54 3.70 -4.41
C ARG B 122 37.31 3.38 -3.58
N VAL B 123 36.78 2.16 -3.67
CA VAL B 123 35.56 1.76 -2.98
C VAL B 123 35.94 0.75 -1.89
N LYS B 124 35.73 1.13 -0.64
CA LYS B 124 36.08 0.30 0.51
C LYS B 124 34.93 -0.57 0.98
N GLY B 125 33.71 -0.32 0.50
CA GLY B 125 32.55 -1.10 0.86
C GLY B 125 31.33 -0.56 0.15
N ILE B 126 30.33 -1.41 -0.07
CA ILE B 126 29.08 -0.98 -0.67
C ILE B 126 27.93 -1.57 0.13
N ALA B 127 27.10 -0.72 0.72
CA ALA B 127 25.82 -1.11 1.28
C ALA B 127 24.75 -0.73 0.27
N PHE B 128 23.86 -1.66 -0.04
CA PHE B 128 22.92 -1.42 -1.12
C PHE B 128 21.59 -2.10 -0.79
N MET B 129 20.55 -1.64 -1.46
CA MET B 129 19.19 -2.08 -1.18
C MET B 129 18.33 -1.69 -2.36
N GLU B 130 17.41 -2.60 -2.73
CA GLU B 130 16.44 -2.32 -3.78
C GLU B 130 17.12 -1.63 -4.96
N PHE B 131 18.07 -2.34 -5.53
CA PHE B 131 19.03 -1.79 -6.48
C PHE B 131 18.69 -2.21 -7.91
N ILE B 132 19.30 -1.51 -8.87
CA ILE B 132 19.01 -1.74 -10.28
C ILE B 132 19.80 -2.97 -10.75
N ARG B 133 19.09 -3.99 -11.19
CA ARG B 133 19.62 -5.20 -11.79
C ARG B 133 18.86 -5.41 -13.09
N PRO B 134 19.39 -6.19 -14.02
CA PRO B 134 18.61 -6.51 -15.22
C PRO B 134 17.38 -7.32 -14.83
N ILE B 135 16.21 -6.88 -15.31
CA ILE B 135 14.96 -7.58 -15.08
C ILE B 135 14.68 -8.33 -16.36
N PRO B 136 15.05 -9.62 -16.46
CA PRO B 136 15.10 -10.26 -17.79
C PRO B 136 13.77 -10.35 -18.49
N THR B 137 12.66 -10.46 -17.77
CA THR B 137 11.33 -10.43 -18.37
C THR B 137 10.41 -9.62 -17.47
N TRP B 138 9.28 -9.20 -18.04
CA TRP B 138 8.24 -8.58 -17.23
C TRP B 138 7.71 -9.53 -16.17
N ASP B 139 7.85 -10.84 -16.39
CA ASP B 139 7.41 -11.81 -15.38
C ASP B 139 8.21 -11.67 -14.09
N GLU B 140 9.44 -11.15 -14.17
CA GLU B 140 10.24 -10.90 -12.97
C GLU B 140 9.95 -9.56 -12.34
N TRP B 141 9.14 -8.71 -12.99
CA TRP B 141 8.65 -7.49 -12.37
C TRP B 141 7.41 -7.81 -11.54
N PRO B 142 7.27 -7.23 -10.35
CA PRO B 142 6.13 -7.57 -9.51
C PRO B 142 4.81 -7.39 -10.26
N GLU B 143 3.94 -8.40 -10.16
CA GLU B 143 2.70 -8.36 -10.92
C GLU B 143 1.88 -7.12 -10.60
N PHE B 144 1.80 -6.75 -9.31
CA PHE B 144 0.99 -5.60 -8.94
C PHE B 144 1.48 -4.32 -9.61
N ALA B 145 2.73 -4.29 -10.07
CA ALA B 145 3.30 -3.09 -10.69
C ALA B 145 3.59 -3.28 -12.17
N ARG B 146 3.12 -4.37 -12.78
CA ARG B 146 3.51 -4.69 -14.16
C ARG B 146 2.76 -3.82 -15.16
N GLU B 147 1.43 -3.83 -15.11
CA GLU B 147 0.65 -3.06 -16.08
C GLU B 147 0.98 -1.58 -16.00
N THR B 148 1.14 -1.07 -14.78
CA THR B 148 1.38 0.35 -14.61
C THR B 148 2.75 0.76 -15.14
N PHE B 149 3.80 -0.01 -14.84
CA PHE B 149 5.12 0.37 -15.33
C PHE B 149 5.24 0.18 -16.83
N GLN B 150 4.45 -0.74 -17.40
CA GLN B 150 4.38 -0.84 -18.86
C GLN B 150 3.75 0.42 -19.44
N ALA B 151 2.73 0.96 -18.77
CA ALA B 151 2.12 2.20 -19.23
C ALA B 151 3.04 3.39 -18.97
N PHE B 152 3.77 3.36 -17.85
CA PHE B 152 4.74 4.40 -17.59
C PHE B 152 5.76 4.51 -18.73
N ARG B 153 6.11 3.38 -19.35
CA ARG B 153 7.13 3.32 -20.39
C ARG B 153 6.54 3.56 -21.77
N THR B 154 5.64 4.53 -21.87
CA THR B 154 5.11 5.00 -23.14
C THR B 154 5.13 6.52 -23.13
N THR B 155 5.06 7.10 -24.32
CA THR B 155 5.11 8.56 -24.47
C THR B 155 3.75 9.22 -24.41
N ASP B 156 2.66 8.47 -24.51
CA ASP B 156 1.33 9.06 -24.41
C ASP B 156 0.79 8.89 -22.99
N VAL B 157 0.38 7.66 -22.65
CA VAL B 157 -0.19 7.41 -21.33
C VAL B 157 0.85 7.67 -20.23
N GLY B 158 2.09 7.25 -20.46
CA GLY B 158 3.09 7.34 -19.41
C GLY B 158 3.42 8.77 -19.02
N ARG B 159 3.54 9.66 -19.99
CA ARG B 159 3.80 11.06 -19.67
C ARG B 159 2.59 11.75 -19.06
N LYS B 160 1.40 11.49 -19.59
CA LYS B 160 0.21 12.08 -18.98
C LYS B 160 0.06 11.65 -17.52
N LEU B 161 0.33 10.38 -17.21
CA LEU B 161 0.23 9.95 -15.81
C LEU B 161 1.32 10.58 -14.95
N ILE B 162 2.59 10.45 -15.35
CA ILE B 162 3.69 10.86 -14.49
C ILE B 162 3.85 12.37 -14.48
N ILE B 163 3.76 13.02 -15.63
CA ILE B 163 4.03 14.46 -15.71
C ILE B 163 2.77 15.27 -15.45
N ASP B 164 1.67 14.95 -16.12
CA ASP B 164 0.47 15.76 -15.97
C ASP B 164 -0.22 15.50 -14.63
N GLN B 165 -0.29 14.24 -14.22
CA GLN B 165 -1.02 13.87 -13.01
C GLN B 165 -0.12 13.60 -11.81
N ASN B 166 1.20 13.66 -11.98
CA ASN B 166 2.16 13.50 -10.87
C ASN B 166 1.95 12.16 -10.16
N VAL B 167 1.67 11.13 -10.96
CA VAL B 167 1.34 9.81 -10.43
C VAL B 167 2.50 9.12 -9.76
N PHE B 168 3.73 9.36 -10.23
CA PHE B 168 4.88 8.72 -9.59
C PHE B 168 5.09 9.23 -8.17
N ILE B 169 4.67 10.46 -7.90
CA ILE B 169 4.79 11.04 -6.56
C ILE B 169 3.59 10.68 -5.69
N GLU B 170 2.37 10.77 -6.25
CA GLU B 170 1.16 10.56 -5.45
C GLU B 170 0.75 9.10 -5.36
N GLY B 171 1.20 8.25 -6.26
CA GLY B 171 0.83 6.85 -6.25
C GLY B 171 2.02 5.93 -6.06
N THR B 172 2.98 5.99 -6.98
CA THR B 172 4.08 5.03 -6.96
C THR B 172 4.92 5.16 -5.69
N LEU B 173 5.20 6.41 -5.28
CA LEU B 173 6.01 6.62 -4.08
C LEU B 173 5.39 6.02 -2.83
N PRO B 174 4.18 6.41 -2.43
CA PRO B 174 3.60 5.80 -1.22
C PRO B 174 3.43 4.29 -1.34
N MET B 175 3.17 3.78 -2.54
CA MET B 175 3.04 2.34 -2.73
C MET B 175 4.38 1.64 -2.80
N GLY B 176 5.48 2.37 -2.63
CA GLY B 176 6.80 1.81 -2.41
C GLY B 176 7.20 1.71 -0.96
N VAL B 177 6.31 2.06 -0.04
CA VAL B 177 6.53 1.97 1.40
C VAL B 177 5.38 1.15 1.98
N VAL B 178 5.71 0.19 2.85
CA VAL B 178 4.66 -0.61 3.47
C VAL B 178 3.83 0.26 4.42
N ARG B 179 4.50 0.95 5.33
CA ARG B 179 3.81 1.87 6.23
C ARG B 179 3.31 3.09 5.46
N PRO B 180 2.31 3.79 5.99
CA PRO B 180 1.83 5.02 5.34
C PRO B 180 2.77 6.19 5.60
N LEU B 181 3.14 6.88 4.52
CA LEU B 181 3.87 8.14 4.68
C LEU B 181 2.92 9.21 5.18
N THR B 182 3.40 10.05 6.08
CA THR B 182 2.59 11.12 6.62
C THR B 182 2.53 12.29 5.64
N GLU B 183 1.58 13.20 5.87
CA GLU B 183 1.43 14.37 5.01
C GLU B 183 2.71 15.19 4.99
N VAL B 184 3.39 15.31 6.13
CA VAL B 184 4.64 16.05 6.18
C VAL B 184 5.68 15.39 5.29
N GLU B 185 5.79 14.06 5.37
CA GLU B 185 6.76 13.35 4.54
C GLU B 185 6.45 13.51 3.06
N MET B 186 5.18 13.35 2.69
CA MET B 186 4.81 13.55 1.29
C MET B 186 5.12 14.97 0.83
N ASP B 187 4.91 15.96 1.70
CA ASP B 187 5.19 17.33 1.30
C ASP B 187 6.67 17.53 1.01
N HIS B 188 7.55 16.88 1.78
CA HIS B 188 8.97 16.93 1.47
C HIS B 188 9.26 16.30 0.11
N TYR B 189 8.66 15.15 -0.16
CA TYR B 189 8.89 14.47 -1.43
C TYR B 189 8.25 15.23 -2.60
N ARG B 190 7.15 15.95 -2.34
CA ARG B 190 6.47 16.68 -3.40
C ARG B 190 7.21 17.96 -3.80
N GLU B 191 7.98 18.54 -2.89
CA GLU B 191 8.48 19.90 -3.06
C GLU B 191 9.21 20.13 -4.38
N PRO B 192 10.13 19.26 -4.81
CA PRO B 192 10.87 19.55 -6.05
C PRO B 192 10.03 19.51 -7.30
N PHE B 193 8.80 19.01 -7.22
CA PHE B 193 8.00 18.69 -8.40
C PHE B 193 6.63 19.37 -8.36
N LEU B 194 6.48 20.44 -7.59
CA LEU B 194 5.22 21.15 -7.54
C LEU B 194 4.84 21.69 -8.92
N ASN B 195 5.83 22.05 -9.72
CA ASN B 195 5.58 22.56 -11.06
C ASN B 195 5.60 21.40 -12.05
N PRO B 196 4.53 21.16 -12.81
CA PRO B 196 4.54 20.04 -13.76
C PRO B 196 5.71 20.04 -14.73
N VAL B 197 6.25 21.22 -15.07
CA VAL B 197 7.33 21.27 -16.06
C VAL B 197 8.65 20.74 -15.52
N ASP B 198 8.72 20.43 -14.22
CA ASP B 198 9.96 19.94 -13.61
C ASP B 198 9.97 18.43 -13.40
N ARG B 199 9.02 17.71 -13.99
CA ARG B 199 8.84 16.28 -13.71
C ARG B 199 9.47 15.36 -14.74
N GLU B 200 10.25 15.89 -15.67
CA GLU B 200 10.88 15.03 -16.68
C GLU B 200 11.69 13.89 -16.08
N PRO B 201 12.54 14.11 -15.07
CA PRO B 201 13.30 12.98 -14.51
C PRO B 201 12.41 11.86 -13.99
N LEU B 202 11.22 12.19 -13.48
CA LEU B 202 10.35 11.17 -12.92
C LEU B 202 9.80 10.23 -13.99
N TRP B 203 9.67 10.70 -15.22
CA TRP B 203 9.21 9.86 -16.32
C TRP B 203 10.36 9.17 -17.03
N ARG B 204 11.50 9.86 -17.21
CA ARG B 204 12.62 9.25 -17.94
C ARG B 204 13.23 8.08 -17.15
N PHE B 205 13.29 8.19 -15.82
CA PHE B 205 13.86 7.09 -15.02
C PHE B 205 13.15 5.76 -15.25
N PRO B 206 11.84 5.64 -15.11
CA PRO B 206 11.23 4.32 -15.37
C PRO B 206 11.41 3.84 -16.81
N ASN B 207 11.57 4.78 -17.75
CA ASN B 207 11.85 4.41 -19.13
C ASN B 207 13.29 3.97 -19.34
N GLU B 208 14.18 4.19 -18.37
CA GLU B 208 15.55 3.72 -18.44
C GLU B 208 15.74 2.39 -17.74
N LEU B 209 14.76 1.92 -16.98
CA LEU B 209 14.93 0.69 -16.23
C LEU B 209 15.24 -0.45 -17.18
N PRO B 210 16.23 -1.29 -16.86
CA PRO B 210 16.58 -2.40 -17.78
C PRO B 210 15.62 -3.57 -17.62
N ILE B 211 14.50 -3.52 -18.34
CA ILE B 211 13.43 -4.51 -18.23
C ILE B 211 13.22 -5.13 -19.61
N ALA B 212 13.28 -6.46 -19.68
CA ALA B 212 12.99 -7.19 -20.92
C ALA B 212 13.93 -6.77 -22.04
N GLY B 213 15.17 -6.48 -21.68
CA GLY B 213 16.20 -6.19 -22.66
C GLY B 213 16.24 -4.78 -23.20
N GLU B 214 15.41 -3.88 -22.69
CA GLU B 214 15.34 -2.50 -23.16
C GLU B 214 15.38 -1.55 -21.98
N PRO B 215 16.06 -0.40 -22.09
CA PRO B 215 16.89 0.05 -23.23
C PRO B 215 18.23 -0.67 -23.27
N ALA B 216 18.69 -1.03 -24.47
CA ALA B 216 19.86 -1.89 -24.60
C ALA B 216 21.10 -1.30 -23.95
N ASN B 217 21.27 0.03 -24.05
CA ASN B 217 22.47 0.64 -23.46
C ASN B 217 22.48 0.48 -21.94
N ILE B 218 21.32 0.61 -21.30
CA ILE B 218 21.27 0.45 -19.84
C ILE B 218 21.46 -1.01 -19.46
N VAL B 219 20.79 -1.92 -20.18
CA VAL B 219 20.95 -3.35 -19.89
C VAL B 219 22.41 -3.74 -19.94
N ALA B 220 23.14 -3.26 -20.94
CA ALA B 220 24.54 -3.63 -21.07
C ALA B 220 25.38 -3.07 -19.93
N LEU B 221 25.16 -1.79 -19.59
CA LEU B 221 25.91 -1.16 -18.51
C LEU B 221 25.63 -1.84 -17.18
N VAL B 222 24.36 -2.19 -16.92
CA VAL B 222 24.02 -2.86 -15.67
C VAL B 222 24.58 -4.27 -15.65
N GLU B 223 24.52 -4.99 -16.78
CA GLU B 223 25.13 -6.31 -16.84
C GLU B 223 26.62 -6.22 -16.52
N GLU B 224 27.29 -5.18 -17.01
CA GLU B 224 28.71 -5.05 -16.79
C GLU B 224 29.04 -4.83 -15.32
N TYR B 225 28.28 -3.98 -14.61
CA TYR B 225 28.61 -3.77 -13.20
C TYR B 225 28.19 -4.96 -12.33
N MET B 226 27.20 -5.75 -12.75
CA MET B 226 26.86 -6.95 -11.99
C MET B 226 27.92 -8.03 -12.20
N ASP B 227 28.47 -8.14 -13.40
CA ASP B 227 29.59 -9.05 -13.61
C ASP B 227 30.80 -8.63 -12.78
N TRP B 228 31.09 -7.33 -12.74
CA TRP B 228 32.15 -6.85 -11.85
C TRP B 228 31.84 -7.20 -10.40
N LEU B 229 30.61 -6.94 -9.96
CA LEU B 229 30.25 -7.18 -8.56
C LEU B 229 30.42 -8.64 -8.19
N HIS B 230 30.07 -9.55 -9.10
CA HIS B 230 30.19 -10.97 -8.83
C HIS B 230 31.63 -11.43 -8.72
N GLN B 231 32.59 -10.62 -9.17
CA GLN B 231 34.01 -10.98 -9.14
C GLN B 231 34.81 -10.18 -8.12
N SER B 232 34.24 -9.15 -7.52
CA SER B 232 35.00 -8.24 -6.66
C SER B 232 34.97 -8.72 -5.21
N PRO B 233 36.10 -8.65 -4.49
CA PRO B 233 36.08 -8.94 -3.05
C PRO B 233 35.63 -7.78 -2.18
N VAL B 234 35.14 -6.68 -2.77
CA VAL B 234 34.75 -5.53 -1.95
C VAL B 234 33.71 -5.95 -0.94
N PRO B 235 33.77 -5.49 0.32
CA PRO B 235 32.72 -5.83 1.27
C PRO B 235 31.37 -5.34 0.79
N LYS B 236 30.36 -6.19 0.90
CA LYS B 236 29.01 -5.91 0.43
C LYS B 236 28.00 -6.16 1.55
N LEU B 237 27.04 -5.26 1.68
CA LEU B 237 25.96 -5.35 2.66
C LEU B 237 24.66 -5.08 1.91
N LEU B 238 23.82 -6.09 1.79
CA LEU B 238 22.58 -5.99 1.04
C LEU B 238 21.41 -6.05 2.01
N PHE B 239 20.60 -4.99 2.02
CA PHE B 239 19.34 -4.98 2.74
C PHE B 239 18.21 -5.35 1.79
N TRP B 240 17.29 -6.17 2.27
CA TRP B 240 16.15 -6.59 1.47
C TRP B 240 14.92 -6.71 2.36
N GLY B 241 13.75 -6.65 1.74
CA GLY B 241 12.50 -6.78 2.45
C GLY B 241 11.54 -7.66 1.69
N THR B 242 10.40 -7.93 2.32
CA THR B 242 9.36 -8.75 1.73
C THR B 242 8.12 -7.89 1.54
N PRO B 243 7.53 -7.87 0.35
CA PRO B 243 7.86 -8.63 -0.86
C PRO B 243 8.98 -8.03 -1.71
N GLY B 244 9.40 -6.79 -1.42
CA GLY B 244 10.36 -6.12 -2.28
C GLY B 244 9.71 -5.69 -3.58
N VAL B 245 10.51 -5.03 -4.41
CA VAL B 245 10.08 -4.60 -5.74
C VAL B 245 11.14 -5.02 -6.75
N LEU B 246 12.28 -4.32 -6.76
CA LEU B 246 13.36 -4.68 -7.66
C LEU B 246 14.07 -5.95 -7.20
N ILE B 247 14.11 -6.20 -5.90
CA ILE B 247 14.84 -7.34 -5.34
C ILE B 247 13.93 -8.21 -4.47
N PRO B 248 13.21 -9.16 -5.06
CA PRO B 248 12.35 -10.03 -4.25
C PRO B 248 13.19 -10.92 -3.33
N PRO B 249 12.57 -11.50 -2.31
CA PRO B 249 13.33 -12.36 -1.39
C PRO B 249 14.16 -13.43 -2.09
N ALA B 250 13.64 -14.01 -3.18
CA ALA B 250 14.38 -15.06 -3.88
C ALA B 250 15.68 -14.52 -4.46
N GLU B 251 15.65 -13.30 -5.01
CA GLU B 251 16.86 -12.73 -5.60
C GLU B 251 17.86 -12.34 -4.52
N ALA B 252 17.40 -11.79 -3.40
CA ALA B 252 18.30 -11.50 -2.31
C ALA B 252 19.01 -12.77 -1.86
N ALA B 253 18.30 -13.90 -1.84
CA ALA B 253 18.91 -15.17 -1.51
C ALA B 253 19.96 -15.57 -2.54
N ARG B 254 19.61 -15.47 -3.83
CA ARG B 254 20.55 -15.82 -4.88
C ARG B 254 21.84 -15.04 -4.75
N LEU B 255 21.73 -13.73 -4.49
CA LEU B 255 22.90 -12.86 -4.42
C LEU B 255 23.71 -13.11 -3.14
N ALA B 256 23.03 -13.41 -2.04
CA ALA B 256 23.72 -13.59 -0.77
C ALA B 256 24.90 -14.57 -0.88
N LYS B 257 24.75 -15.60 -1.70
CA LYS B 257 25.81 -16.60 -1.86
CA LYS B 257 25.80 -16.60 -1.87
C LYS B 257 26.66 -16.36 -3.10
N SER B 258 26.08 -15.81 -4.17
CA SER B 258 26.83 -15.63 -5.40
C SER B 258 27.81 -14.46 -5.31
N LEU B 259 27.48 -13.41 -4.57
CA LEU B 259 28.37 -12.27 -4.47
C LEU B 259 29.43 -12.52 -3.41
N PRO B 260 30.70 -12.25 -3.69
CA PRO B 260 31.74 -12.47 -2.68
C PRO B 260 31.64 -11.47 -1.53
N ASN B 261 31.97 -11.95 -0.33
CA ASN B 261 32.08 -11.07 0.83
CA ASN B 261 32.07 -11.10 0.85
C ASN B 261 30.80 -10.26 1.02
N CYS B 262 29.66 -10.93 0.93
CA CYS B 262 28.36 -10.28 1.00
C CYS B 262 27.58 -10.80 2.20
N LYS B 263 26.99 -9.87 2.95
CA LYS B 263 26.03 -10.17 4.00
C LYS B 263 24.68 -9.60 3.59
N ALA B 264 23.65 -10.44 3.60
CA ALA B 264 22.28 -10.03 3.30
C ALA B 264 21.52 -9.85 4.60
N VAL B 265 20.78 -8.76 4.73
CA VAL B 265 20.08 -8.41 5.96
C VAL B 265 18.59 -8.23 5.65
N ASP B 266 17.76 -9.03 6.30
CA ASP B 266 16.31 -8.95 6.15
C ASP B 266 15.77 -7.85 7.03
N ILE B 267 15.12 -6.84 6.43
CA ILE B 267 14.60 -5.72 7.20
C ILE B 267 13.15 -5.93 7.62
N GLY B 268 12.55 -7.06 7.26
CA GLY B 268 11.14 -7.30 7.50
C GLY B 268 10.31 -6.83 6.34
N PRO B 269 9.08 -6.41 6.61
CA PRO B 269 8.23 -5.90 5.52
C PRO B 269 8.90 -4.75 4.79
N GLY B 270 8.82 -4.78 3.47
CA GLY B 270 9.39 -3.73 2.66
C GLY B 270 9.05 -3.86 1.19
N LEU B 271 9.00 -2.72 0.49
CA LEU B 271 8.71 -2.69 -0.93
C LEU B 271 9.95 -2.15 -1.62
N ASN B 272 9.98 -0.85 -1.95
CA ASN B 272 11.15 -0.24 -2.56
C ASN B 272 11.92 0.67 -1.62
N LEU B 273 11.25 1.60 -0.94
CA LEU B 273 11.92 2.56 -0.07
C LEU B 273 12.11 1.94 1.32
N LEU B 274 13.02 0.95 1.38
CA LEU B 274 13.24 0.22 2.61
C LEU B 274 13.65 1.16 3.75
N GLN B 275 14.34 2.26 3.43
CA GLN B 275 14.74 3.22 4.45
C GLN B 275 13.54 3.77 5.20
N GLU B 276 12.38 3.81 4.56
CA GLU B 276 11.21 4.37 5.23
C GLU B 276 10.50 3.34 6.10
N ASP B 277 10.77 2.06 5.91
CA ASP B 277 10.11 1.03 6.71
C ASP B 277 10.92 0.58 7.91
N ASN B 278 12.26 0.54 7.82
CA ASN B 278 13.08 0.12 8.94
C ASN B 278 14.40 0.90 8.99
N PRO B 279 14.34 2.20 9.20
CA PRO B 279 15.59 2.98 9.29
C PRO B 279 16.45 2.58 10.47
N ASP B 280 15.84 2.17 11.59
CA ASP B 280 16.63 1.80 12.76
C ASP B 280 17.61 0.68 12.43
N LEU B 281 17.12 -0.37 11.78
CA LEU B 281 17.98 -1.50 11.48
C LEU B 281 18.99 -1.18 10.39
N ILE B 282 18.54 -0.48 9.33
CA ILE B 282 19.45 -0.18 8.22
C ILE B 282 20.58 0.71 8.70
N GLY B 283 20.25 1.77 9.44
CA GLY B 283 21.29 2.66 9.93
C GLY B 283 22.19 1.99 10.95
N SER B 284 21.61 1.26 11.91
CA SER B 284 22.41 0.61 12.93
C SER B 284 23.31 -0.49 12.34
N GLU B 285 22.80 -1.23 11.36
N GLU B 285 22.80 -1.24 11.37
CA GLU B 285 23.60 -2.28 10.73
CA GLU B 285 23.61 -2.28 10.74
C GLU B 285 24.75 -1.69 9.92
C GLU B 285 24.77 -1.67 9.95
N ILE B 286 24.51 -0.60 9.21
CA ILE B 286 25.59 0.07 8.48
C ILE B 286 26.69 0.50 9.44
N ALA B 287 26.31 1.10 10.57
CA ALA B 287 27.30 1.55 11.53
C ALA B 287 28.16 0.40 12.05
N ARG B 288 27.54 -0.74 12.37
CA ARG B 288 28.30 -1.90 12.81
C ARG B 288 29.20 -2.40 11.69
N TRP B 289 28.67 -2.43 10.46
CA TRP B 289 29.42 -2.94 9.31
C TRP B 289 30.62 -2.05 9.01
N LEU B 290 30.47 -0.73 9.18
CA LEU B 290 31.59 0.17 8.92
C LEU B 290 32.78 -0.14 9.82
N SER B 291 32.52 -0.63 11.03
CA SER B 291 33.59 -0.95 11.96
C SER B 291 34.47 -2.09 11.47
N THR B 292 34.00 -2.87 10.50
CA THR B 292 34.79 -3.99 9.97
C THR B 292 35.55 -3.65 8.70
N LEU B 293 35.37 -2.45 8.15
CA LEU B 293 36.01 -2.10 6.88
C LEU B 293 37.39 -1.50 7.09
#